data_8OS2
#
_entry.id   8OS2
#
_cell.length_a   70.810
_cell.length_b   70.810
_cell.length_c   75.770
_cell.angle_alpha   90.000
_cell.angle_beta   90.000
_cell.angle_gamma   90.000
#
_symmetry.space_group_name_H-M   'P 41 21 2'
#
loop_
_entity.id
_entity.type
_entity.pdbx_description
1 polymer 'Lymphatic vessel endothelial hyaluronic acid receptor 1'
2 non-polymer 2-acetamido-2-deoxy-beta-D-glucopyranose
3 non-polymer GLYCEROL
4 water water
#
_entity_poly.entity_id   1
_entity_poly.type   'polypeptide(L)'
_entity_poly.pdbx_seq_one_letter_code
;MARCFSLVLLLTSIWTTRLLVQGSLRAEELSIQVSCRIMGITLVSKKANQQLNFTEAKEACRLLGLSLAGKDQVETALKA
SFETCSYGWVGDGFVVISRISPNPKCGKNGVGVLIWKVPVSRQFAAYCYNSSDTWTNSCIPEIIHH
;
_entity_poly.pdbx_strand_id   A
#
# COMPACT_ATOMS: atom_id res chain seq x y z
N SER A 24 -17.11 -12.93 -7.01
CA SER A 24 -15.70 -12.56 -6.85
C SER A 24 -15.56 -11.08 -6.56
N LEU A 25 -14.41 -10.71 -6.00
CA LEU A 25 -14.09 -9.30 -5.81
C LEU A 25 -14.10 -8.56 -7.15
N ARG A 26 -14.70 -7.37 -7.15
CA ARG A 26 -14.77 -6.49 -8.31
CA ARG A 26 -14.71 -6.51 -8.33
C ARG A 26 -14.05 -5.18 -7.99
N ALA A 27 -13.48 -4.54 -9.03
CA ALA A 27 -12.72 -3.32 -8.82
C ALA A 27 -13.57 -2.18 -8.29
N GLU A 28 -14.84 -2.13 -8.69
CA GLU A 28 -15.72 -1.07 -8.22
C GLU A 28 -15.97 -1.16 -6.72
N GLU A 29 -15.60 -2.27 -6.08
CA GLU A 29 -15.67 -2.36 -4.61
C GLU A 29 -14.46 -1.74 -3.91
N LEU A 30 -13.47 -1.26 -4.66
CA LEU A 30 -12.22 -0.80 -4.09
C LEU A 30 -12.15 0.72 -4.14
N SER A 31 -11.41 1.31 -3.21
CA SER A 31 -11.07 2.72 -3.29
C SER A 31 -9.58 2.87 -3.10
N ILE A 32 -9.02 3.92 -3.70
CA ILE A 32 -7.58 4.16 -3.67
C ILE A 32 -7.30 5.23 -2.62
N GLN A 33 -6.51 4.90 -1.60
CA GLN A 33 -6.31 5.80 -0.48
C GLN A 33 -5.05 6.65 -0.62
N VAL A 34 -4.21 6.34 -1.58
CA VAL A 34 -3.01 7.11 -1.87
C VAL A 34 -3.11 7.55 -3.33
N SER A 35 -3.61 8.76 -3.55
CA SER A 35 -3.90 9.18 -4.92
C SER A 35 -2.62 9.44 -5.69
N CYS A 36 -1.57 9.86 -5.02
CA CYS A 36 -0.30 10.16 -5.66
C CYS A 36 0.69 9.09 -5.24
N ARG A 37 1.00 8.17 -6.14
CA ARG A 37 1.81 7.02 -5.79
C ARG A 37 3.25 7.45 -5.58
N ILE A 38 3.88 6.90 -4.56
CA ILE A 38 5.25 7.25 -4.22
C ILE A 38 6.10 6.02 -4.51
N MET A 39 7.06 6.18 -5.42
CA MET A 39 7.90 5.08 -5.86
C MET A 39 7.02 3.90 -6.30
N GLY A 40 5.93 4.22 -6.99
CA GLY A 40 5.03 3.20 -7.50
C GLY A 40 4.03 2.63 -6.52
N ILE A 41 4.02 3.10 -5.26
CA ILE A 41 3.26 2.44 -4.20
C ILE A 41 1.95 3.18 -3.94
N THR A 42 0.87 2.42 -3.86
CA THR A 42 -0.43 2.93 -3.47
C THR A 42 -1.02 2.00 -2.41
N LEU A 43 -2.16 2.41 -1.87
CA LEU A 43 -2.88 1.70 -0.82
C LEU A 43 -4.32 1.58 -1.26
N VAL A 44 -4.85 0.36 -1.27
CA VAL A 44 -6.16 0.06 -1.80
C VAL A 44 -7.01 -0.57 -0.71
N SER A 45 -8.21 -0.05 -0.51
CA SER A 45 -9.11 -0.53 0.53
C SER A 45 -10.44 -0.93 -0.09
N LYS A 46 -11.24 -1.66 0.68
CA LYS A 46 -12.62 -1.93 0.28
C LYS A 46 -13.53 -0.81 0.75
N LYS A 47 -14.50 -0.45 -0.09
CA LYS A 47 -15.47 0.56 0.29
C LYS A 47 -16.33 0.08 1.44
N ALA A 48 -16.60 -1.23 1.48
CA ALA A 48 -17.42 -1.81 2.53
C ALA A 48 -16.64 -1.84 3.84
N ASN A 49 -17.33 -2.20 4.92
CA ASN A 49 -16.65 -2.32 6.21
C ASN A 49 -15.64 -3.47 6.19
N GLN A 50 -16.04 -4.63 5.65
CA GLN A 50 -15.14 -5.77 5.58
C GLN A 50 -14.00 -5.48 4.62
N GLN A 51 -12.77 -5.74 5.06
CA GLN A 51 -11.59 -5.47 4.24
C GLN A 51 -11.08 -6.76 3.62
N LEU A 52 -9.77 -6.84 3.32
CA LEU A 52 -9.22 -7.89 2.46
C LEU A 52 -8.30 -8.83 3.23
N ASN A 53 -8.54 -10.15 3.11
CA ASN A 53 -7.56 -11.07 3.63
C ASN A 53 -6.38 -11.15 2.65
N PHE A 54 -5.36 -11.93 3.02
CA PHE A 54 -4.10 -11.92 2.24
C PHE A 54 -4.33 -12.29 0.79
N THR A 55 -5.10 -13.35 0.54
CA THR A 55 -5.40 -13.77 -0.83
C THR A 55 -6.19 -12.70 -1.57
N GLU A 56 -7.15 -12.07 -0.89
CA GLU A 56 -7.96 -11.05 -1.53
C GLU A 56 -7.16 -9.79 -1.80
N ALA A 57 -6.16 -9.51 -0.95
CA ALA A 57 -5.30 -8.36 -1.19
C ALA A 57 -4.57 -8.52 -2.51
N LYS A 58 -4.04 -9.71 -2.78
CA LYS A 58 -3.37 -9.93 -4.06
C LYS A 58 -4.35 -9.73 -5.21
N GLU A 59 -5.57 -10.21 -5.05
CA GLU A 59 -6.56 -10.09 -6.12
C GLU A 59 -6.93 -8.63 -6.33
N ALA A 60 -7.07 -7.87 -5.24
CA ALA A 60 -7.38 -6.45 -5.34
C ALA A 60 -6.34 -5.72 -6.19
N CYS A 61 -5.05 -5.91 -5.88
CA CYS A 61 -4.05 -5.25 -6.70
C CYS A 61 -4.16 -5.67 -8.17
N ARG A 62 -4.38 -6.97 -8.42
CA ARG A 62 -4.39 -7.46 -9.81
C ARG A 62 -5.59 -6.92 -10.59
N LEU A 63 -6.72 -6.68 -9.93
CA LEU A 63 -7.88 -6.10 -10.61
C LEU A 63 -7.56 -4.71 -11.13
N LEU A 64 -6.57 -4.04 -10.55
CA LEU A 64 -6.17 -2.72 -11.01
C LEU A 64 -4.91 -2.78 -11.87
N GLY A 65 -4.46 -3.98 -12.22
CA GLY A 65 -3.24 -4.09 -12.98
C GLY A 65 -1.98 -3.85 -12.19
N LEU A 66 -2.04 -3.99 -10.88
CA LEU A 66 -0.90 -3.80 -9.99
C LEU A 66 -0.53 -5.12 -9.32
N SER A 67 0.64 -5.15 -8.66
CA SER A 67 1.04 -6.31 -7.88
C SER A 67 1.00 -5.98 -6.40
N LEU A 68 0.81 -7.00 -5.56
CA LEU A 68 0.91 -6.76 -4.13
C LEU A 68 2.33 -6.34 -3.80
N ALA A 69 2.49 -5.19 -3.14
CA ALA A 69 3.83 -4.67 -2.89
C ALA A 69 4.61 -5.57 -1.94
N GLY A 70 5.92 -5.66 -2.15
CA GLY A 70 6.78 -6.23 -1.15
C GLY A 70 7.14 -5.21 -0.09
N LYS A 71 7.46 -5.69 1.11
CA LYS A 71 7.85 -4.77 2.18
CA LYS A 71 7.85 -4.77 2.18
C LYS A 71 9.04 -3.90 1.75
N ASP A 72 9.97 -4.47 0.98
CA ASP A 72 11.13 -3.68 0.51
C ASP A 72 10.70 -2.55 -0.42
N GLN A 73 9.65 -2.77 -1.21
CA GLN A 73 9.13 -1.70 -2.07
C GLN A 73 8.47 -0.62 -1.23
N VAL A 74 7.78 -1.00 -0.16
CA VAL A 74 7.20 0.01 0.73
C VAL A 74 8.30 0.79 1.43
N GLU A 75 9.39 0.11 1.78
CA GLU A 75 10.52 0.80 2.39
C GLU A 75 11.14 1.81 1.44
N THR A 76 11.26 1.45 0.16
CA THR A 76 11.74 2.42 -0.83
C THR A 76 10.82 3.63 -0.91
N ALA A 77 9.50 3.41 -0.82
CA ALA A 77 8.59 4.55 -0.88
C ALA A 77 8.71 5.41 0.37
N LEU A 78 8.86 4.79 1.53
CA LEU A 78 9.07 5.55 2.76
C LEU A 78 10.27 6.48 2.65
N LYS A 79 11.35 6.00 2.03
CA LYS A 79 12.53 6.85 1.86
C LYS A 79 12.22 8.09 1.02
N ALA A 80 11.18 8.02 0.18
CA ALA A 80 10.70 9.15 -0.61
C ALA A 80 9.53 9.86 0.05
N SER A 81 9.32 9.62 1.35
CA SER A 81 8.34 10.24 2.24
C SER A 81 6.91 9.70 2.07
N PHE A 82 6.78 8.46 1.63
CA PHE A 82 5.48 7.78 1.63
C PHE A 82 5.05 7.48 3.06
N GLU A 83 3.87 7.98 3.45
CA GLU A 83 3.35 7.76 4.79
C GLU A 83 1.86 7.46 4.70
N THR A 84 1.41 6.50 5.50
CA THR A 84 0.01 6.10 5.54
CA THR A 84 0.01 6.10 5.54
C THR A 84 -0.46 6.03 6.99
N CYS A 85 -1.77 5.94 7.15
CA CYS A 85 -2.38 5.67 8.45
C CYS A 85 -3.40 4.53 8.34
N SER A 86 -3.03 3.47 7.63
CA SER A 86 -3.88 2.30 7.46
C SER A 86 -2.97 1.09 7.43
N TYR A 87 -3.39 0.02 8.10
CA TYR A 87 -2.68 -1.24 8.01
C TYR A 87 -3.03 -1.92 6.69
N GLY A 88 -2.04 -2.55 6.06
CA GLY A 88 -2.30 -3.24 4.82
C GLY A 88 -1.36 -4.39 4.57
N TRP A 89 -1.82 -5.34 3.77
CA TRP A 89 -1.05 -6.52 3.42
C TRP A 89 0.08 -6.15 2.45
N VAL A 90 1.21 -6.85 2.59
CA VAL A 90 2.29 -6.86 1.62
C VAL A 90 2.61 -8.33 1.33
N GLY A 91 3.49 -8.55 0.35
CA GLY A 91 3.83 -9.90 -0.03
C GLY A 91 4.53 -10.67 1.10
N ASP A 92 4.40 -11.99 1.03
CA ASP A 92 4.93 -12.91 2.04
C ASP A 92 4.26 -12.77 3.40
N GLY A 93 3.05 -12.24 3.44
CA GLY A 93 2.18 -12.42 4.59
C GLY A 93 2.46 -11.52 5.77
N PHE A 94 2.85 -10.28 5.52
CA PHE A 94 3.02 -9.28 6.57
C PHE A 94 1.95 -8.22 6.43
N VAL A 95 1.55 -7.63 7.55
CA VAL A 95 0.72 -6.42 7.56
C VAL A 95 1.63 -5.26 7.96
N VAL A 96 1.56 -4.15 7.22
CA VAL A 96 2.47 -3.04 7.48
C VAL A 96 1.71 -1.72 7.56
N ILE A 97 2.41 -0.73 8.09
CA ILE A 97 2.04 0.67 8.00
C ILE A 97 3.32 1.47 7.83
N SER A 98 3.26 2.55 7.04
CA SER A 98 4.45 3.35 6.71
C SER A 98 4.42 4.67 7.47
N ARG A 99 5.36 4.84 8.40
CA ARG A 99 5.33 5.98 9.31
C ARG A 99 6.62 6.77 9.24
N ILE A 100 6.48 8.09 9.09
CA ILE A 100 7.59 9.01 9.22
C ILE A 100 7.59 9.68 10.59
N SER A 101 6.44 10.23 10.98
CA SER A 101 6.27 10.89 12.27
C SER A 101 5.56 9.96 13.25
N PRO A 102 6.03 9.91 14.50
CA PRO A 102 5.33 9.14 15.54
C PRO A 102 3.90 9.65 15.69
N ASN A 103 2.97 8.72 15.75
CA ASN A 103 1.56 9.07 15.99
C ASN A 103 0.91 7.93 16.77
N PRO A 104 0.31 8.22 17.93
CA PRO A 104 -0.33 7.13 18.69
C PRO A 104 -1.40 6.42 17.89
N LYS A 105 -2.12 7.16 17.06
CA LYS A 105 -3.28 6.70 16.32
C LYS A 105 -2.92 6.02 15.01
N CYS A 106 -1.63 6.00 14.64
CA CYS A 106 -1.19 5.49 13.33
C CYS A 106 0.02 4.60 13.59
N GLY A 107 -0.24 3.34 13.93
CA GLY A 107 0.87 2.45 14.25
C GLY A 107 1.47 2.64 15.61
N LYS A 108 0.74 3.24 16.54
CA LYS A 108 1.10 3.24 17.96
C LYS A 108 2.47 3.91 18.19
N ASN A 109 2.70 5.05 17.54
CA ASN A 109 3.93 5.84 17.62
C ASN A 109 5.17 5.20 17.02
N GLY A 110 5.05 4.09 16.31
CA GLY A 110 6.22 3.54 15.65
C GLY A 110 6.69 4.42 14.50
N VAL A 111 7.91 4.14 14.05
CA VAL A 111 8.50 4.89 12.94
C VAL A 111 9.24 3.90 12.05
N GLY A 112 9.12 4.08 10.75
CA GLY A 112 9.63 3.18 9.73
C GLY A 112 8.48 2.43 9.09
N VAL A 113 8.84 1.42 8.29
CA VAL A 113 7.82 0.49 7.81
C VAL A 113 7.65 -0.55 8.92
N LEU A 114 6.55 -0.43 9.67
CA LEU A 114 6.26 -1.32 10.78
C LEU A 114 5.62 -2.60 10.26
N ILE A 115 6.07 -3.74 10.75
CA ILE A 115 5.73 -5.03 10.15
C ILE A 115 5.20 -5.97 11.23
N TRP A 116 4.04 -6.56 11.00
CA TRP A 116 3.49 -7.63 11.84
C TRP A 116 3.31 -8.86 10.96
N LYS A 117 3.73 -10.03 11.45
CA LYS A 117 3.36 -11.28 10.80
C LYS A 117 2.03 -11.75 11.38
N VAL A 118 0.99 -11.74 10.56
CA VAL A 118 -0.40 -11.84 11.00
C VAL A 118 -1.04 -13.05 10.31
N PRO A 119 -2.00 -13.73 10.94
CA PRO A 119 -2.73 -14.82 10.25
C PRO A 119 -3.37 -14.34 8.97
N VAL A 120 -3.26 -15.13 7.90
CA VAL A 120 -3.63 -14.66 6.57
C VAL A 120 -5.13 -14.50 6.36
N SER A 121 -5.95 -14.99 7.29
CA SER A 121 -7.39 -14.75 7.22
C SER A 121 -7.78 -13.34 7.67
N ARG A 122 -6.90 -12.62 8.35
CA ARG A 122 -7.26 -11.30 8.85
C ARG A 122 -7.38 -10.30 7.71
N GLN A 123 -8.28 -9.32 7.88
CA GLN A 123 -8.70 -8.43 6.81
C GLN A 123 -8.14 -7.01 6.99
N PHE A 124 -7.42 -6.54 5.98
CA PHE A 124 -6.82 -5.21 6.00
C PHE A 124 -6.90 -4.63 4.59
N ALA A 125 -6.25 -3.50 4.39
CA ALA A 125 -6.07 -2.93 3.07
C ALA A 125 -4.95 -3.69 2.35
N ALA A 126 -4.61 -3.24 1.15
CA ALA A 126 -3.53 -3.85 0.37
C ALA A 126 -2.59 -2.76 -0.11
N TYR A 127 -1.28 -2.94 0.12
CA TYR A 127 -0.28 -2.08 -0.51
C TYR A 127 0.00 -2.63 -1.91
N CYS A 128 -0.17 -1.81 -2.94
CA CYS A 128 0.03 -2.27 -4.30
C CYS A 128 1.18 -1.53 -4.95
N TYR A 129 1.84 -2.20 -5.89
CA TYR A 129 3.02 -1.64 -6.56
C TYR A 129 2.76 -1.51 -8.06
N ASN A 130 3.13 -0.34 -8.62
CA ASN A 130 3.04 -0.05 -10.05
C ASN A 130 4.42 0.11 -10.66
N SER A 131 4.86 -0.91 -11.41
CA SER A 131 6.21 -0.88 -11.95
C SER A 131 6.36 0.11 -13.09
N SER A 132 5.25 0.58 -13.66
CA SER A 132 5.32 1.50 -14.78
C SER A 132 5.66 2.91 -14.36
N ASP A 133 5.46 3.26 -13.09
CA ASP A 133 5.72 4.62 -12.66
C ASP A 133 7.18 4.97 -12.87
N THR A 134 7.41 6.06 -13.61
CA THR A 134 8.73 6.60 -13.81
C THR A 134 8.99 7.86 -13.00
N TRP A 135 7.97 8.40 -12.33
CA TRP A 135 8.14 9.53 -11.44
C TRP A 135 8.12 9.07 -9.99
N THR A 136 8.88 9.78 -9.15
CA THR A 136 8.93 9.48 -7.72
C THR A 136 7.57 9.67 -7.07
N ASN A 137 6.87 10.73 -7.47
CA ASN A 137 5.51 11.05 -7.08
C ASN A 137 4.70 11.12 -8.36
N SER A 138 3.73 10.23 -8.54
CA SER A 138 3.04 10.20 -9.83
C SER A 138 2.26 11.48 -10.12
N CYS A 139 2.10 12.37 -9.14
CA CYS A 139 1.42 13.65 -9.32
C CYS A 139 2.38 14.82 -9.53
N ILE A 140 3.68 14.58 -9.52
CA ILE A 140 4.63 15.68 -9.69
C ILE A 140 5.50 15.39 -10.91
N PRO A 141 5.34 16.13 -12.00
CA PRO A 141 6.16 15.90 -13.18
C PRO A 141 7.63 16.01 -12.87
N GLU A 142 8.43 15.39 -13.72
CA GLU A 142 9.88 15.48 -13.66
C GLU A 142 10.38 15.93 -15.02
N ILE A 143 11.53 16.61 -15.01
CA ILE A 143 12.06 17.21 -16.22
C ILE A 143 12.23 16.15 -17.30
N ILE A 144 11.81 16.49 -18.52
CA ILE A 144 11.91 15.58 -19.65
C ILE A 144 13.32 15.63 -20.23
N HIS A 145 13.94 14.48 -20.39
CA HIS A 145 15.26 14.38 -21.00
C HIS A 145 15.12 13.84 -22.41
N HIS A 146 15.75 14.51 -23.36
CA HIS A 146 15.42 14.34 -24.77
C HIS A 146 16.43 13.47 -25.48
#